data_3OYF
#
_entry.id   3OYF
#
_cell.length_a   159.340
_cell.length_b   159.340
_cell.length_c   123.260
_cell.angle_alpha   90.000
_cell.angle_beta   90.000
_cell.angle_gamma   90.000
#
_symmetry.space_group_name_H-M   'P 41 21 2'
#
loop_
_entity.id
_entity.type
_entity.pdbx_description
1 polymer 'PFV integrase'
2 polymer "DNA (5'-D(*AP*TP*TP*GP*TP*CP*AP*TP*GP*GP*AP*AP*TP*TP*TP*CP*GP*CP*A)-3')"
3 polymer "DNA (5'-D(*TP*GP*CP*GP*AP*AP*AP*TP*TP*CP*CP*AP*TP*GP*AP*CP*A)-3')"
4 non-polymer 'ZINC ION'
5 non-polymer 'SULFATE ION'
6 non-polymer GLYCEROL
7 non-polymer 'AMMONIUM ION'
8 non-polymer 'MAGNESIUM ION'
9 non-polymer 5-(1,1-dioxido-1,2-thiazinan-2-yl)-N-(4-fluorobenzyl)-8-hydroxy-1,6-naphthyridine-7-carboxamide
10 water water
#
loop_
_entity_poly.entity_id
_entity_poly.type
_entity_poly.pdbx_seq_one_letter_code
_entity_poly.pdbx_strand_id
1 'polypeptide(L)'
;GPGCNTKKPNLDAELDQLLQGHYIKGYPKQYTYFLEDGKVKVSRPEGVKIIPPQSDRQKIVLQAHNLAHTGREATLLKIA
NLYWWPNMRKDVVKQLGRCQQCLITNASNKASGPILRPDRPQKPFDKFFIDYIGPLPPSQGYLYVLVVVDGMTGFTWLYP
TKAPSTSATVKSLNVLTSIAIPKVIHSDQGAAFTSSTFAEWAKERGIHLEFSTPYHPQSSGKVERKNSDIKRLLTKLLVG
RPTKWYDLLPVVQLALNNTYSPVLKYTPHQLLFGIDSNTPFANQDTLDLTREEELSLLQEIRTSLYHPSTPPASSRSWSP
VVGQLVQERVARPASLRPRWHKPSTVLKVLNPRTVVILDHLGNNRTVSIDNLKPTSHQNGTTNDTATMDHLEKNE
;
A,B
2 'polydeoxyribonucleotide' (DA)(DT)(DT)(DG)(DT)(DC)(DA)(DT)(DG)(DG)(DA)(DA)(DT)(DT)(DT)(DC)(DG)(DC)(DA) C
3 'polydeoxyribonucleotide' (DT)(DG)(DC)(DG)(DA)(DA)(DA)(DT)(DT)(DC)(DC)(DA)(DT)(DG)(DA)(DC)(DA) D
#
loop_
_chem_comp.id
_chem_comp.type
_chem_comp.name
_chem_comp.formula
DA DNA linking 2'-DEOXYADENOSINE-5'-MONOPHOSPHATE 'C10 H14 N5 O6 P'
DC DNA linking 2'-DEOXYCYTIDINE-5'-MONOPHOSPHATE 'C9 H14 N3 O7 P'
DG DNA linking 2'-DEOXYGUANOSINE-5'-MONOPHOSPHATE 'C10 H14 N5 O7 P'
DT DNA linking THYMIDINE-5'-MONOPHOSPHATE 'C10 H15 N2 O8 P'
GOL non-polymer GLYCEROL 'C3 H8 O3'
MG non-polymer 'MAGNESIUM ION' 'Mg 2'
NH4 non-polymer 'AMMONIUM ION' 'H4 N 1'
SO4 non-polymer 'SULFATE ION' 'O4 S -2'
ZN non-polymer 'ZINC ION' 'Zn 2'
ZYP non-polymer 5-(1,1-dioxido-1,2-thiazinan-2-yl)-N-(4-fluorobenzyl)-8-hydroxy-1,6-naphthyridine-7-carboxamide 'C20 H19 F N4 O4 S'
#
# COMPACT_ATOMS: atom_id res chain seq x y z
N LEU A 11 -2.23 -17.49 -59.56
CA LEU A 11 -3.61 -17.10 -59.98
C LEU A 11 -4.04 -17.84 -61.26
N ASP A 12 -4.15 -17.12 -62.38
CA ASP A 12 -4.60 -17.68 -63.68
C ASP A 12 -3.59 -18.64 -64.31
N ALA A 13 -2.30 -18.32 -64.16
CA ALA A 13 -1.22 -19.16 -64.65
C ALA A 13 -1.18 -20.51 -63.93
N GLU A 14 -1.16 -20.46 -62.59
CA GLU A 14 -1.15 -21.65 -61.73
C GLU A 14 -2.27 -22.61 -62.05
N LEU A 15 -3.50 -22.08 -62.06
CA LEU A 15 -4.69 -22.88 -62.26
C LEU A 15 -4.76 -23.44 -63.68
N ASP A 16 -4.25 -22.68 -64.65
CA ASP A 16 -4.16 -23.12 -66.04
C ASP A 16 -3.33 -24.40 -66.12
N GLN A 17 -2.07 -24.33 -65.67
CA GLN A 17 -1.15 -25.46 -65.69
C GLN A 17 -1.70 -26.66 -64.94
N LEU A 18 -2.63 -26.39 -64.03
CA LEU A 18 -3.27 -27.43 -63.25
C LEU A 18 -4.28 -28.19 -64.11
N LEU A 19 -5.11 -27.45 -64.84
CA LEU A 19 -6.17 -28.06 -65.65
C LEU A 19 -5.65 -29.04 -66.69
N GLN A 20 -4.51 -28.70 -67.32
CA GLN A 20 -3.88 -29.56 -68.30
C GLN A 20 -3.06 -30.70 -67.66
N GLY A 21 -3.34 -30.99 -66.39
CA GLY A 21 -2.85 -32.18 -65.68
C GLY A 21 -1.45 -32.21 -65.08
N HIS A 22 -0.73 -31.08 -65.14
CA HIS A 22 0.59 -30.98 -64.49
C HIS A 22 0.47 -30.84 -62.97
N TYR A 23 1.53 -31.15 -62.24
CA TYR A 23 1.53 -31.07 -60.77
C TYR A 23 2.01 -29.72 -60.26
N ILE A 24 1.20 -29.05 -59.44
CA ILE A 24 1.62 -27.83 -58.73
C ILE A 24 1.70 -28.12 -57.24
N LYS A 25 2.77 -27.68 -56.58
CA LYS A 25 3.01 -27.96 -55.15
C LYS A 25 1.82 -27.54 -54.30
N GLY A 26 1.33 -28.47 -53.48
CA GLY A 26 0.22 -28.22 -52.59
C GLY A 26 -1.17 -28.47 -53.15
N TYR A 27 -1.25 -28.84 -54.43
CA TYR A 27 -2.49 -29.33 -55.02
C TYR A 27 -2.35 -30.82 -55.22
N PRO A 28 -2.90 -31.63 -54.29
CA PRO A 28 -2.69 -33.08 -54.27
C PRO A 28 -3.04 -33.71 -55.62
N LYS A 29 -2.19 -34.63 -56.09
CA LYS A 29 -2.28 -35.18 -57.47
C LYS A 29 -3.48 -36.08 -57.73
N GLN A 30 -3.92 -36.79 -56.70
CA GLN A 30 -4.93 -37.84 -56.83
C GLN A 30 -6.38 -37.36 -57.03
N TYR A 31 -6.60 -36.05 -57.02
CA TYR A 31 -7.93 -35.50 -57.23
C TYR A 31 -8.01 -34.95 -58.62
N THR A 32 -9.21 -34.95 -59.21
CA THR A 32 -9.34 -34.45 -60.57
C THR A 32 -9.88 -33.02 -60.59
N TYR A 33 -9.15 -32.15 -61.28
CA TYR A 33 -9.47 -30.73 -61.39
C TYR A 33 -10.04 -30.40 -62.78
N PHE A 34 -11.21 -29.78 -62.82
CA PHE A 34 -11.86 -29.48 -64.10
C PHE A 34 -12.35 -28.04 -64.24
N LEU A 35 -12.93 -27.72 -65.40
CA LEU A 35 -13.53 -26.40 -65.66
C LEU A 35 -15.04 -26.57 -65.81
N GLU A 36 -15.80 -25.59 -65.33
CA GLU A 36 -17.26 -25.64 -65.34
C GLU A 36 -17.79 -24.26 -64.97
N ASP A 37 -18.67 -23.73 -65.80
CA ASP A 37 -19.27 -22.39 -65.59
C ASP A 37 -18.22 -21.27 -65.54
N GLY A 38 -17.07 -21.53 -66.16
CA GLY A 38 -15.98 -20.55 -66.24
C GLY A 38 -15.10 -20.54 -65.00
N LYS A 39 -15.15 -21.62 -64.23
CA LYS A 39 -14.48 -21.68 -62.94
C LYS A 39 -13.80 -23.03 -62.70
N VAL A 40 -12.56 -23.00 -62.20
CA VAL A 40 -11.85 -24.22 -61.82
C VAL A 40 -12.51 -24.92 -60.63
N LYS A 41 -12.74 -26.21 -60.72
CA LYS A 41 -13.36 -26.95 -59.64
C LYS A 41 -12.56 -28.19 -59.31
N VAL A 42 -12.91 -28.87 -58.21
CA VAL A 42 -12.25 -30.10 -57.82
C VAL A 42 -13.20 -30.98 -57.04
N SER A 43 -13.14 -32.27 -57.32
CA SER A 43 -13.97 -33.23 -56.63
C SER A 43 -13.24 -33.69 -55.38
N ARG A 44 -13.67 -33.19 -54.23
CA ARG A 44 -13.08 -33.56 -52.97
C ARG A 44 -14.09 -34.38 -52.17
N PRO A 45 -13.62 -35.19 -51.20
CA PRO A 45 -14.53 -36.09 -50.50
C PRO A 45 -15.85 -35.43 -50.09
N GLU A 46 -15.78 -34.23 -49.52
CA GLU A 46 -17.00 -33.51 -49.07
C GLU A 46 -17.90 -33.09 -50.24
N GLY A 47 -17.31 -33.04 -51.44
CA GLY A 47 -17.99 -32.60 -52.64
C GLY A 47 -17.13 -31.69 -53.51
N VAL A 48 -17.80 -31.01 -54.43
CA VAL A 48 -17.12 -30.24 -55.45
C VAL A 48 -16.99 -28.82 -54.95
N LYS A 49 -15.75 -28.31 -54.93
CA LYS A 49 -15.50 -26.97 -54.47
C LYS A 49 -14.83 -26.17 -55.55
N ILE A 50 -15.07 -24.88 -55.55
CA ILE A 50 -14.42 -23.97 -56.49
C ILE A 50 -13.02 -23.62 -55.98
N ILE A 51 -12.01 -23.80 -56.82
CA ILE A 51 -10.68 -23.33 -56.49
C ILE A 51 -10.55 -21.95 -57.07
N PRO A 52 -10.59 -20.91 -56.25
CA PRO A 52 -10.42 -19.60 -56.84
C PRO A 52 -8.95 -19.33 -57.18
N PRO A 53 -8.70 -18.39 -58.11
CA PRO A 53 -7.34 -17.92 -58.37
C PRO A 53 -6.78 -17.31 -57.09
N GLN A 54 -5.47 -17.44 -56.91
CA GLN A 54 -4.82 -16.94 -55.70
C GLN A 54 -5.05 -15.44 -55.51
N SER A 55 -5.20 -14.72 -56.62
CA SER A 55 -5.39 -13.26 -56.56
C SER A 55 -6.77 -12.88 -56.02
N ASP A 56 -7.62 -13.87 -55.82
CA ASP A 56 -8.99 -13.67 -55.35
C ASP A 56 -9.17 -14.07 -53.89
N ARG A 57 -8.21 -14.78 -53.35
CA ARG A 57 -8.39 -15.44 -52.06
C ARG A 57 -8.48 -14.50 -50.85
N GLN A 58 -7.64 -13.48 -50.79
CA GLN A 58 -7.74 -12.52 -49.72
C GLN A 58 -9.15 -11.94 -49.62
N LYS A 59 -9.74 -11.54 -50.75
CA LYS A 59 -11.10 -10.97 -50.77
C LYS A 59 -12.15 -11.95 -50.24
N ILE A 60 -11.98 -13.22 -50.60
CA ILE A 60 -12.87 -14.26 -50.14
C ILE A 60 -12.79 -14.45 -48.62
N VAL A 61 -11.58 -14.70 -48.11
CA VAL A 61 -11.33 -14.84 -46.68
C VAL A 61 -11.88 -13.63 -45.91
N LEU A 62 -11.68 -12.45 -46.48
CA LEU A 62 -12.12 -11.25 -45.85
C LEU A 62 -13.65 -11.19 -45.80
N GLN A 63 -14.29 -11.60 -46.89
CA GLN A 63 -15.74 -11.52 -46.94
C GLN A 63 -16.34 -12.51 -45.96
N ALA A 64 -15.74 -13.70 -45.91
CA ALA A 64 -16.19 -14.69 -44.96
C ALA A 64 -16.05 -14.15 -43.54
N HIS A 65 -14.85 -13.63 -43.23
CA HIS A 65 -14.57 -13.17 -41.88
C HIS A 65 -15.51 -12.07 -41.49
N ASN A 66 -15.75 -11.13 -42.40
CA ASN A 66 -16.52 -9.92 -42.09
C ASN A 66 -18.02 -10.13 -41.83
N LEU A 67 -18.52 -11.32 -42.11
CA LEU A 67 -19.95 -11.56 -41.94
C LEU A 67 -20.28 -11.34 -40.48
N ALA A 68 -19.52 -11.98 -39.60
CA ALA A 68 -19.72 -11.84 -38.17
C ALA A 68 -18.42 -11.65 -37.39
N HIS A 69 -17.35 -11.28 -38.09
CA HIS A 69 -16.00 -11.16 -37.48
C HIS A 69 -15.60 -12.38 -36.66
N THR A 70 -15.73 -13.55 -37.28
CA THR A 70 -15.48 -14.84 -36.67
C THR A 70 -13.99 -15.18 -36.62
N GLY A 71 -13.65 -16.16 -35.78
CA GLY A 71 -12.27 -16.58 -35.63
C GLY A 71 -11.92 -17.64 -36.62
N ARG A 72 -10.89 -18.44 -36.31
CA ARG A 72 -10.29 -19.36 -37.28
C ARG A 72 -11.29 -20.34 -37.86
N GLU A 73 -11.79 -21.24 -37.03
CA GLU A 73 -12.73 -22.26 -37.45
C GLU A 73 -14.05 -21.69 -38.02
N ALA A 74 -14.67 -20.74 -37.35
CA ALA A 74 -15.97 -20.28 -37.82
C ALA A 74 -15.88 -19.57 -39.18
N THR A 75 -14.79 -18.84 -39.41
CA THR A 75 -14.48 -18.29 -40.73
C THR A 75 -14.18 -19.43 -41.70
N LEU A 76 -13.31 -20.36 -41.32
CA LEU A 76 -12.98 -21.41 -42.27
C LEU A 76 -14.25 -22.13 -42.78
N LEU A 77 -15.11 -22.51 -41.84
CA LEU A 77 -16.31 -23.27 -42.15
C LEU A 77 -17.24 -22.60 -43.16
N LYS A 78 -17.27 -21.27 -43.18
CA LYS A 78 -18.00 -20.56 -44.21
C LYS A 78 -17.29 -20.78 -45.54
N ILE A 79 -16.01 -20.45 -45.63
CA ILE A 79 -15.28 -20.58 -46.87
C ILE A 79 -15.43 -21.98 -47.44
N ALA A 80 -15.19 -23.00 -46.61
CA ALA A 80 -15.19 -24.39 -47.06
C ALA A 80 -16.49 -24.80 -47.70
N ASN A 81 -17.57 -24.04 -47.44
CA ASN A 81 -18.86 -24.32 -48.05
C ASN A 81 -18.85 -24.22 -49.58
N LEU A 82 -18.02 -23.32 -50.09
CA LEU A 82 -17.93 -23.06 -51.50
C LEU A 82 -16.57 -23.34 -52.10
N TYR A 83 -15.50 -23.09 -51.33
CA TYR A 83 -14.16 -23.17 -51.89
C TYR A 83 -13.24 -24.21 -51.30
N TRP A 84 -12.20 -24.51 -52.05
CA TRP A 84 -11.07 -25.24 -51.53
C TRP A 84 -9.83 -24.64 -52.15
N TRP A 85 -8.79 -24.46 -51.34
CA TRP A 85 -7.46 -24.25 -51.84
C TRP A 85 -6.42 -24.76 -50.86
N PRO A 86 -5.12 -24.79 -51.27
CA PRO A 86 -4.08 -25.31 -50.37
C PRO A 86 -3.88 -24.40 -49.17
N ASN A 87 -3.86 -25.00 -47.98
CA ASN A 87 -3.53 -24.28 -46.74
C ASN A 87 -4.44 -23.08 -46.50
N MET A 88 -5.73 -23.35 -46.47
CA MET A 88 -6.74 -22.33 -46.29
C MET A 88 -6.60 -21.59 -44.96
N ARG A 89 -6.41 -22.35 -43.89
CA ARG A 89 -6.33 -21.75 -42.57
C ARG A 89 -5.18 -20.75 -42.47
N LYS A 90 -4.11 -20.98 -43.25
CA LYS A 90 -3.01 -20.04 -43.23
C LYS A 90 -3.46 -18.66 -43.69
N ASP A 91 -4.29 -18.62 -44.72
CA ASP A 91 -4.83 -17.35 -45.20
C ASP A 91 -5.89 -16.75 -44.26
N VAL A 92 -6.61 -17.61 -43.54
CA VAL A 92 -7.59 -17.14 -42.60
C VAL A 92 -6.86 -16.43 -41.44
N VAL A 93 -5.85 -17.09 -40.89
CA VAL A 93 -5.09 -16.55 -39.78
C VAL A 93 -4.42 -15.23 -40.18
N LYS A 94 -3.93 -15.17 -41.41
CA LYS A 94 -3.37 -13.95 -41.93
C LYS A 94 -4.34 -12.76 -41.76
N GLN A 95 -5.61 -12.96 -42.13
CA GLN A 95 -6.59 -11.89 -42.01
C GLN A 95 -6.96 -11.57 -40.55
N LEU A 96 -7.04 -12.62 -39.73
CA LEU A 96 -7.37 -12.45 -38.32
C LEU A 96 -6.37 -11.51 -37.66
N GLY A 97 -5.08 -11.80 -37.84
CA GLY A 97 -4.02 -10.94 -37.34
C GLY A 97 -3.99 -9.54 -37.92
N ARG A 98 -4.75 -9.30 -38.99
CA ARG A 98 -4.83 -7.96 -39.59
C ARG A 98 -6.14 -7.24 -39.32
N CYS A 99 -7.12 -7.92 -38.73
CA CYS A 99 -8.40 -7.27 -38.48
C CYS A 99 -8.34 -6.43 -37.20
N GLN A 100 -8.11 -5.14 -37.34
CA GLN A 100 -8.01 -4.25 -36.19
C GLN A 100 -9.15 -4.47 -35.19
N GLN A 101 -10.37 -4.57 -35.70
CA GLN A 101 -11.56 -4.69 -34.89
C GLN A 101 -11.60 -5.95 -34.06
N CYS A 102 -11.17 -7.08 -34.63
CA CYS A 102 -11.14 -8.31 -33.84
C CYS A 102 -10.08 -8.23 -32.77
N LEU A 103 -8.93 -7.65 -33.15
CA LEU A 103 -7.78 -7.58 -32.26
C LEU A 103 -8.08 -6.77 -30.99
N ILE A 104 -8.88 -5.70 -31.11
CA ILE A 104 -9.12 -4.83 -29.99
C ILE A 104 -10.44 -5.12 -29.26
N THR A 105 -11.35 -5.88 -29.89
CA THR A 105 -12.61 -6.24 -29.25
C THR A 105 -12.60 -7.60 -28.57
N ASN A 106 -11.99 -8.60 -29.19
CA ASN A 106 -11.99 -9.98 -28.66
C ASN A 106 -11.34 -10.11 -27.28
N ALA A 107 -11.77 -11.12 -26.52
CA ALA A 107 -11.15 -11.40 -25.23
C ALA A 107 -9.86 -12.18 -25.50
N SER A 108 -8.99 -12.27 -24.50
CA SER A 108 -7.84 -13.15 -24.54
C SER A 108 -8.29 -14.53 -24.14
N ASN A 109 -7.56 -15.55 -24.56
CA ASN A 109 -7.81 -16.84 -24.00
C ASN A 109 -6.55 -17.44 -23.40
N LYS A 110 -5.65 -16.56 -22.97
CA LYS A 110 -4.41 -16.97 -22.31
C LYS A 110 -4.31 -16.26 -20.96
N ALA A 111 -4.17 -17.02 -19.88
CA ALA A 111 -4.07 -16.43 -18.55
C ALA A 111 -2.67 -15.84 -18.28
N SER A 112 -2.61 -14.85 -17.38
CA SER A 112 -1.33 -14.35 -16.85
C SER A 112 -0.51 -15.45 -16.19
N GLY A 113 0.81 -15.30 -16.26
CA GLY A 113 1.71 -16.21 -15.54
C GLY A 113 1.50 -16.04 -14.04
N PRO A 114 1.98 -17.01 -13.25
CA PRO A 114 1.67 -17.03 -11.81
C PRO A 114 2.21 -15.81 -11.06
N ILE A 115 1.49 -15.37 -10.03
CA ILE A 115 1.86 -14.18 -9.24
C ILE A 115 3.25 -14.27 -8.55
N LEU A 116 3.90 -13.12 -8.42
CA LEU A 116 5.12 -13.03 -7.59
C LEU A 116 4.75 -12.87 -6.14
N ARG A 117 5.53 -13.48 -5.25
CA ARG A 117 5.37 -13.15 -3.82
C ARG A 117 6.55 -12.33 -3.33
N PRO A 118 6.51 -11.00 -3.51
CA PRO A 118 7.67 -10.20 -3.12
C PRO A 118 8.12 -10.48 -1.70
N ASP A 119 9.43 -10.36 -1.45
CA ASP A 119 9.97 -10.47 -0.09
C ASP A 119 9.31 -9.50 0.87
N ARG A 120 8.97 -9.99 2.06
CA ARG A 120 8.53 -9.14 3.16
C ARG A 120 9.64 -8.14 3.44
N PRO A 121 9.29 -6.86 3.59
CA PRO A 121 10.23 -5.83 4.03
C PRO A 121 11.00 -6.37 5.21
N GLN A 122 12.31 -6.14 5.23
CA GLN A 122 13.14 -6.70 6.30
C GLN A 122 12.85 -6.11 7.68
N LYS A 123 12.54 -4.82 7.73
CA LYS A 123 12.38 -4.14 8.99
C LYS A 123 11.08 -3.34 9.04
N PRO A 124 10.57 -3.07 10.25
CA PRO A 124 9.49 -2.14 10.42
C PRO A 124 9.97 -0.84 9.87
N PHE A 125 9.08 -0.07 9.27
CA PHE A 125 9.38 1.24 8.67
C PHE A 125 10.17 1.24 7.37
N ASP A 126 10.56 0.05 6.91
CA ASP A 126 11.18 -0.10 5.59
C ASP A 126 10.22 0.27 4.49
N LYS A 127 8.98 -0.25 4.57
CA LYS A 127 7.96 0.04 3.55
C LYS A 127 6.54 0.13 4.08
N PHE A 128 5.93 1.29 3.87
CA PHE A 128 4.50 1.49 4.18
C PHE A 128 3.69 1.23 2.93
N PHE A 129 2.52 0.60 3.10
CA PHE A 129 1.50 0.48 2.06
C PHE A 129 0.30 1.29 2.51
N ILE A 130 -0.11 2.23 1.68
CA ILE A 130 -1.24 3.08 2.03
C ILE A 130 -2.37 3.03 0.99
N ASP A 131 -3.59 3.24 1.44
CA ASP A 131 -4.72 3.20 0.54
C ASP A 131 -5.90 3.88 1.19
N TYR A 132 -6.89 4.23 0.38
CA TYR A 132 -8.16 4.70 0.92
C TYR A 132 -9.25 3.67 0.83
N ILE A 133 -10.07 3.65 1.86
CA ILE A 133 -11.35 2.99 1.85
C ILE A 133 -12.41 4.09 1.83
N GLY A 134 -13.50 3.87 1.09
CA GLY A 134 -14.65 4.78 1.11
C GLY A 134 -15.13 5.06 -0.30
N PRO A 135 -16.22 5.81 -0.44
CA PRO A 135 -16.93 6.52 0.64
C PRO A 135 -17.75 5.57 1.50
N LEU A 136 -17.79 5.85 2.80
CA LEU A 136 -18.57 5.09 3.77
C LEU A 136 -19.76 5.96 4.19
N PRO A 137 -20.74 5.41 4.91
CA PRO A 137 -21.84 6.27 5.33
C PRO A 137 -21.33 7.43 6.21
N PRO A 138 -21.88 8.65 6.05
CA PRO A 138 -21.32 9.75 6.84
C PRO A 138 -21.35 9.46 8.33
N SER A 139 -20.20 9.64 8.96
CA SER A 139 -20.06 9.52 10.40
C SER A 139 -19.25 10.72 10.88
N GLN A 140 -19.85 11.56 11.73
CA GLN A 140 -19.22 12.80 12.22
C GLN A 140 -18.67 13.67 11.08
N GLY A 141 -19.26 13.55 9.90
CA GLY A 141 -18.87 14.37 8.77
C GLY A 141 -17.76 13.72 7.98
N TYR A 142 -17.35 12.53 8.39
CA TYR A 142 -16.28 11.81 7.72
C TYR A 142 -16.83 10.74 6.78
N LEU A 143 -16.09 10.46 5.71
CA LEU A 143 -16.55 9.57 4.66
C LEU A 143 -15.50 8.56 4.23
N TYR A 144 -14.23 8.83 4.51
CA TYR A 144 -13.17 7.91 4.09
C TYR A 144 -12.25 7.48 5.24
N VAL A 145 -11.44 6.46 4.99
CA VAL A 145 -10.41 6.09 5.93
C VAL A 145 -9.12 5.92 5.17
N LEU A 146 -8.09 6.65 5.60
CA LEU A 146 -6.73 6.38 5.17
C LEU A 146 -6.21 5.19 5.97
N VAL A 147 -5.64 4.22 5.27
CA VAL A 147 -5.15 3.04 5.92
C VAL A 147 -3.68 2.91 5.60
N VAL A 148 -2.88 2.81 6.66
CA VAL A 148 -1.44 2.69 6.52
C VAL A 148 -1.00 1.40 7.16
N VAL A 149 -0.33 0.55 6.37
CA VAL A 149 0.07 -0.75 6.84
C VAL A 149 1.58 -0.89 6.71
N ASP A 150 2.26 -1.14 7.81
CA ASP A 150 3.67 -1.39 7.75
C ASP A 150 3.89 -2.75 7.13
N GLY A 151 4.74 -2.80 6.12
CA GLY A 151 4.95 -4.00 5.36
C GLY A 151 5.48 -5.16 6.17
N MET A 152 6.51 -4.91 6.94
CA MET A 152 7.15 -5.99 7.67
C MET A 152 6.22 -6.58 8.72
N THR A 153 5.56 -5.72 9.48
CA THR A 153 4.85 -6.15 10.69
C THR A 153 3.35 -6.36 10.49
N GLY A 154 2.78 -5.65 9.53
CA GLY A 154 1.34 -5.65 9.36
C GLY A 154 0.69 -4.63 10.26
N PHE A 155 1.48 -3.92 11.06
CA PHE A 155 0.92 -2.93 11.98
C PHE A 155 0.21 -1.84 11.16
N THR A 156 -0.98 -1.45 11.61
CA THR A 156 -1.86 -0.61 10.81
C THR A 156 -2.30 0.61 11.55
N TRP A 157 -2.31 1.74 10.82
CA TRP A 157 -2.83 2.98 11.36
C TRP A 157 -4.03 3.40 10.56
N LEU A 158 -5.07 3.85 11.25
CA LEU A 158 -6.29 4.27 10.60
C LEU A 158 -6.58 5.76 10.82
N TYR A 159 -6.87 6.49 9.74
CA TYR A 159 -7.31 7.86 9.89
C TYR A 159 -8.61 8.19 9.12
N PRO A 160 -9.60 8.73 9.84
CA PRO A 160 -10.82 9.15 9.17
C PRO A 160 -10.56 10.43 8.37
N THR A 161 -11.04 10.49 7.13
CA THR A 161 -11.01 11.76 6.39
C THR A 161 -12.36 12.13 5.80
N LYS A 162 -12.47 13.36 5.29
CA LYS A 162 -13.67 13.83 4.62
C LYS A 162 -13.56 13.63 3.12
N ALA A 163 -12.33 13.43 2.64
CA ALA A 163 -12.06 13.19 1.22
C ALA A 163 -10.81 12.33 1.07
N PRO A 164 -10.69 11.60 -0.05
CA PRO A 164 -9.41 10.95 -0.30
C PRO A 164 -8.43 11.96 -0.92
N SER A 165 -8.12 13.01 -0.17
CA SER A 165 -7.32 14.13 -0.69
C SER A 165 -5.84 14.09 -0.30
N THR A 166 -5.01 14.75 -1.11
CA THR A 166 -3.62 14.95 -0.76
C THR A 166 -3.52 15.68 0.61
N SER A 167 -4.32 16.72 0.80
CA SER A 167 -4.24 17.48 2.03
C SER A 167 -4.55 16.63 3.26
N ALA A 168 -5.53 15.74 3.15
CA ALA A 168 -5.91 14.92 4.30
C ALA A 168 -4.90 13.80 4.50
N THR A 169 -4.26 13.40 3.41
CA THR A 169 -3.23 12.39 3.48
C THR A 169 -2.02 12.95 4.21
N VAL A 170 -1.66 14.17 3.83
CA VAL A 170 -0.52 14.85 4.43
C VAL A 170 -0.77 15.09 5.92
N LYS A 171 -1.92 15.66 6.28
CA LYS A 171 -2.26 15.82 7.68
C LYS A 171 -2.06 14.50 8.43
N SER A 172 -2.57 13.40 7.88
CA SER A 172 -2.57 12.12 8.62
C SER A 172 -1.17 11.60 8.79
N LEU A 173 -0.37 11.68 7.73
CA LEU A 173 0.97 11.14 7.78
C LEU A 173 1.94 12.02 8.61
N ASN A 174 1.66 13.31 8.70
CA ASN A 174 2.37 14.14 9.66
C ASN A 174 2.19 13.61 11.05
N VAL A 175 0.97 13.22 11.42
CA VAL A 175 0.77 12.63 12.76
C VAL A 175 1.51 11.30 12.87
N LEU A 176 1.43 10.46 11.84
CA LEU A 176 2.01 9.14 11.92
C LEU A 176 3.52 9.18 12.00
N THR A 177 4.13 9.99 11.15
CA THR A 177 5.58 10.04 11.03
C THR A 177 6.23 10.77 12.22
N SER A 178 5.39 11.32 13.10
CA SER A 178 5.85 11.67 14.45
C SER A 178 6.55 10.51 15.11
N ILE A 179 6.06 9.30 14.86
CA ILE A 179 6.61 8.12 15.54
C ILE A 179 7.93 7.69 14.88
N ALA A 180 7.89 7.57 13.56
CA ALA A 180 9.04 7.16 12.77
C ALA A 180 8.81 7.54 11.31
N ILE A 181 9.89 7.59 10.53
CA ILE A 181 9.82 7.93 9.13
C ILE A 181 10.15 6.65 8.35
N PRO A 182 9.34 6.33 7.31
CA PRO A 182 9.58 5.09 6.60
C PRO A 182 10.53 5.32 5.43
N LYS A 183 11.28 4.31 5.02
CA LYS A 183 12.14 4.46 3.84
C LYS A 183 11.28 4.71 2.61
N VAL A 184 10.28 3.85 2.42
CA VAL A 184 9.44 3.84 1.22
C VAL A 184 7.96 3.85 1.57
N ILE A 185 7.19 4.66 0.86
CA ILE A 185 5.74 4.52 0.91
C ILE A 185 5.19 4.04 -0.44
N HIS A 186 4.63 2.82 -0.44
CA HIS A 186 3.95 2.30 -1.61
C HIS A 186 2.45 2.62 -1.64
N SER A 187 2.01 3.22 -2.74
CA SER A 187 0.59 3.44 -2.94
C SER A 187 0.15 3.08 -4.36
N ASP A 188 -1.16 3.00 -4.57
CA ASP A 188 -1.75 2.89 -5.91
C ASP A 188 -1.79 4.29 -6.52
N GLN A 189 -2.40 4.42 -7.70
CA GLN A 189 -2.41 5.69 -8.41
C GLN A 189 -3.62 6.55 -8.13
N GLY A 190 -4.22 6.37 -6.95
CA GLY A 190 -5.25 7.31 -6.47
C GLY A 190 -4.82 8.79 -6.59
N ALA A 191 -5.79 9.68 -6.83
CA ALA A 191 -5.52 11.10 -7.06
C ALA A 191 -4.59 11.65 -5.96
N ALA A 192 -4.95 11.35 -4.72
CA ALA A 192 -4.28 11.82 -3.52
C ALA A 192 -2.79 11.57 -3.45
N PHE A 193 -2.33 10.46 -4.02
CA PHE A 193 -0.96 10.03 -3.86
C PHE A 193 -0.05 10.43 -5.00
N THR A 194 -0.64 10.87 -6.11
CA THR A 194 0.14 11.10 -7.33
C THR A 194 0.30 12.58 -7.61
N SER A 195 -0.30 13.43 -6.76
CA SER A 195 -0.22 14.88 -6.90
C SER A 195 1.20 15.32 -6.61
N SER A 196 1.57 16.48 -7.14
CA SER A 196 2.93 16.95 -6.97
C SER A 196 3.14 17.45 -5.54
N THR A 197 2.06 17.95 -4.92
CA THR A 197 2.13 18.29 -3.50
C THR A 197 2.55 17.10 -2.66
N PHE A 198 1.98 15.92 -2.90
CA PHE A 198 2.35 14.76 -2.12
C PHE A 198 3.78 14.33 -2.40
N ALA A 199 4.23 14.50 -3.64
CA ALA A 199 5.61 14.15 -4.00
C ALA A 199 6.61 15.00 -3.22
N GLU A 200 6.29 16.30 -3.09
CA GLU A 200 7.10 17.25 -2.34
C GLU A 200 7.14 16.85 -0.89
N TRP A 201 5.96 16.65 -0.33
CA TRP A 201 5.85 16.25 1.06
C TRP A 201 6.82 15.10 1.33
N ALA A 202 6.91 14.14 0.40
CA ALA A 202 7.74 12.96 0.62
C ALA A 202 9.24 13.24 0.46
N LYS A 203 9.57 14.02 -0.56
CA LYS A 203 10.96 14.44 -0.80
C LYS A 203 11.52 15.24 0.40
N GLU A 204 10.71 16.19 0.88
CA GLU A 204 11.00 16.91 2.12
C GLU A 204 11.44 15.98 3.23
N ARG A 205 10.98 14.73 3.24
CA ARG A 205 11.31 13.85 4.36
C ARG A 205 12.25 12.72 4.01
N GLY A 206 12.70 12.70 2.76
CA GLY A 206 13.62 11.67 2.29
C GLY A 206 12.93 10.34 2.19
N ILE A 207 11.62 10.37 1.98
CA ILE A 207 10.78 9.18 1.78
C ILE A 207 10.63 8.94 0.28
N HIS A 208 10.96 7.72 -0.15
CA HIS A 208 10.78 7.35 -1.57
C HIS A 208 9.33 6.92 -1.87
N LEU A 209 8.69 7.55 -2.85
CA LEU A 209 7.33 7.15 -3.26
C LEU A 209 7.39 6.07 -4.31
N GLU A 210 6.67 4.98 -4.05
CA GLU A 210 6.60 3.83 -4.95
C GLU A 210 5.15 3.64 -5.33
N PHE A 211 4.90 3.51 -6.64
CA PHE A 211 3.52 3.38 -7.15
C PHE A 211 3.22 2.01 -7.76
N SER A 212 2.03 1.50 -7.48
CA SER A 212 1.52 0.33 -8.17
C SER A 212 1.41 0.62 -9.66
N THR A 213 1.52 -0.40 -10.49
CA THR A 213 1.10 -0.28 -11.88
C THR A 213 -0.36 0.15 -11.87
N PRO A 214 -0.80 0.85 -12.92
CA PRO A 214 -2.15 1.40 -12.88
C PRO A 214 -3.22 0.30 -12.96
N TYR A 215 -4.36 0.54 -12.32
CA TYR A 215 -5.52 -0.33 -12.37
C TYR A 215 -5.20 -1.80 -12.00
N HIS A 216 -4.49 -1.97 -10.89
CA HIS A 216 -4.03 -3.27 -10.46
C HIS A 216 -3.90 -3.34 -8.93
N PRO A 217 -5.04 -3.35 -8.23
CA PRO A 217 -5.06 -3.33 -6.77
C PRO A 217 -4.30 -4.47 -6.08
N GLN A 218 -4.07 -5.59 -6.76
CA GLN A 218 -3.21 -6.65 -6.19
C GLN A 218 -1.86 -6.07 -5.74
N SER A 219 -1.37 -5.07 -6.47
CA SER A 219 -0.04 -4.51 -6.21
C SER A 219 0.02 -3.83 -4.85
N SER A 220 -1.09 -3.20 -4.40
CA SER A 220 -1.21 -2.80 -3.00
C SER A 220 -1.82 -3.88 -2.08
N GLY A 221 -1.65 -5.15 -2.47
CA GLY A 221 -2.23 -6.28 -1.73
C GLY A 221 -2.09 -6.25 -0.21
N LYS A 222 -0.94 -5.79 0.30
CA LYS A 222 -0.67 -5.73 1.72
C LYS A 222 -1.70 -4.89 2.45
N VAL A 223 -1.95 -3.68 1.96
CA VAL A 223 -2.95 -2.81 2.59
C VAL A 223 -4.37 -3.22 2.21
N GLU A 224 -4.61 -3.52 0.92
CA GLU A 224 -5.94 -3.96 0.46
C GLU A 224 -6.43 -5.05 1.38
N ARG A 225 -5.55 -6.01 1.67
CA ARG A 225 -6.00 -7.16 2.46
C ARG A 225 -6.40 -6.76 3.86
N LYS A 226 -5.82 -5.67 4.34
CA LYS A 226 -6.15 -5.15 5.66
C LYS A 226 -7.48 -4.43 5.62
N ASN A 227 -7.71 -3.70 4.53
CA ASN A 227 -9.03 -3.10 4.28
C ASN A 227 -10.16 -4.10 4.49
N SER A 228 -9.98 -5.32 3.99
CA SER A 228 -10.96 -6.34 4.23
C SER A 228 -11.21 -6.52 5.73
N ASP A 229 -10.17 -6.79 6.50
CA ASP A 229 -10.37 -7.09 7.92
C ASP A 229 -10.99 -5.88 8.60
N ILE A 230 -10.61 -4.69 8.14
CA ILE A 230 -11.07 -3.47 8.78
C ILE A 230 -12.59 -3.40 8.59
N LYS A 231 -13.03 -3.59 7.34
CA LYS A 231 -14.45 -3.52 7.04
C LYS A 231 -15.22 -4.67 7.71
N ARG A 232 -14.61 -5.84 7.74
CA ARG A 232 -15.25 -6.99 8.33
C ARG A 232 -15.50 -6.81 9.83
N LEU A 233 -14.53 -6.26 10.56
CA LEU A 233 -14.69 -6.03 12.00
C LEU A 233 -15.71 -4.92 12.26
N LEU A 234 -15.64 -3.85 11.47
CA LEU A 234 -16.57 -2.74 11.61
C LEU A 234 -18.01 -3.20 11.41
N THR A 235 -18.21 -4.03 10.40
CA THR A 235 -19.53 -4.55 10.13
C THR A 235 -20.04 -5.31 11.36
N LYS A 236 -19.25 -6.25 11.86
CA LYS A 236 -19.64 -7.03 13.04
C LYS A 236 -19.99 -6.12 14.22
N LEU A 237 -19.21 -5.06 14.43
CA LEU A 237 -19.43 -4.23 15.60
C LEU A 237 -20.68 -3.39 15.44
N LEU A 238 -21.04 -3.13 14.19
CA LEU A 238 -22.19 -2.30 13.85
C LEU A 238 -23.51 -3.07 13.65
N VAL A 239 -23.51 -4.39 13.81
CA VAL A 239 -24.72 -5.15 13.55
C VAL A 239 -25.84 -4.66 14.46
N GLY A 240 -26.99 -4.35 13.86
CA GLY A 240 -28.16 -3.88 14.60
C GLY A 240 -27.96 -2.54 15.28
N ARG A 241 -26.97 -1.79 14.83
CA ARG A 241 -26.82 -0.40 15.26
C ARG A 241 -26.70 0.44 14.02
N PRO A 242 -26.97 1.75 14.14
CA PRO A 242 -26.65 2.66 13.04
C PRO A 242 -25.13 2.71 12.77
N THR A 243 -24.75 2.89 11.53
CA THR A 243 -23.36 2.74 11.11
C THR A 243 -22.46 3.92 11.50
N LYS A 244 -22.40 4.18 12.81
CA LYS A 244 -21.53 5.21 13.44
C LYS A 244 -20.12 4.65 13.60
N TRP A 245 -19.37 4.64 12.50
CA TRP A 245 -18.09 3.97 12.46
C TRP A 245 -16.93 4.82 13.02
N TYR A 246 -17.08 6.14 13.00
CA TYR A 246 -15.99 7.03 13.39
C TYR A 246 -15.37 6.70 14.74
N ASP A 247 -16.23 6.54 15.75
CA ASP A 247 -15.80 6.26 17.11
C ASP A 247 -15.28 4.85 17.26
N LEU A 248 -15.28 4.08 16.20
CA LEU A 248 -14.82 2.70 16.33
C LEU A 248 -13.51 2.49 15.63
N LEU A 249 -13.12 3.41 14.77
CA LEU A 249 -11.81 3.32 14.14
C LEU A 249 -10.70 2.97 15.13
N PRO A 250 -10.58 3.74 16.25
CA PRO A 250 -9.50 3.47 17.20
C PRO A 250 -9.60 2.06 17.76
N VAL A 251 -10.81 1.64 18.10
CA VAL A 251 -11.01 0.32 18.68
C VAL A 251 -10.59 -0.74 17.68
N VAL A 252 -10.96 -0.53 16.41
CA VAL A 252 -10.67 -1.48 15.35
C VAL A 252 -9.16 -1.57 15.12
N GLN A 253 -8.51 -0.42 15.02
CA GLN A 253 -7.05 -0.35 14.92
C GLN A 253 -6.37 -1.19 15.99
N LEU A 254 -6.68 -0.91 17.25
CA LEU A 254 -6.08 -1.66 18.34
C LEU A 254 -6.46 -3.13 18.24
N ALA A 255 -7.72 -3.41 17.96
CA ALA A 255 -8.18 -4.80 17.91
C ALA A 255 -7.36 -5.61 16.88
N LEU A 256 -7.21 -5.05 15.69
CA LEU A 256 -6.51 -5.76 14.60
C LEU A 256 -5.00 -5.86 14.82
N ASN A 257 -4.40 -4.82 15.39
CA ASN A 257 -2.96 -4.81 15.60
C ASN A 257 -2.57 -5.84 16.63
N ASN A 258 -3.54 -6.24 17.45
CA ASN A 258 -3.30 -7.23 18.48
C ASN A 258 -3.92 -8.60 18.21
N THR A 259 -4.31 -8.83 16.96
CA THR A 259 -4.83 -10.12 16.50
C THR A 259 -3.73 -11.02 15.90
N TYR A 260 -3.76 -12.31 16.25
CA TYR A 260 -2.77 -13.24 15.74
C TYR A 260 -3.03 -13.57 14.27
N SER A 261 -1.96 -13.63 13.49
CA SER A 261 -2.05 -14.32 12.23
C SER A 261 -1.73 -15.79 12.50
N PRO A 262 -2.72 -16.69 12.30
CA PRO A 262 -2.47 -18.11 12.52
C PRO A 262 -1.24 -18.68 11.79
N VAL A 263 -0.89 -18.18 10.62
CA VAL A 263 0.28 -18.74 9.94
C VAL A 263 1.60 -18.25 10.57
N LEU A 264 1.60 -17.02 11.09
CA LEU A 264 2.80 -16.48 11.69
C LEU A 264 2.93 -16.82 13.20
N LYS A 265 1.81 -16.97 13.90
CA LYS A 265 1.80 -17.11 15.36
C LYS A 265 2.22 -15.84 16.08
N TYR A 266 2.13 -14.70 15.41
CA TYR A 266 2.39 -13.43 16.05
C TYR A 266 1.33 -12.43 15.63
N THR A 267 1.06 -11.46 16.51
CA THR A 267 0.23 -10.33 16.19
C THR A 267 1.13 -9.25 15.58
N PRO A 268 0.53 -8.29 14.86
CA PRO A 268 1.38 -7.24 14.31
C PRO A 268 2.06 -6.39 15.38
N HIS A 269 1.40 -6.26 16.54
CA HIS A 269 1.95 -5.49 17.65
C HIS A 269 3.24 -6.16 18.12
N GLN A 270 3.16 -7.47 18.29
CA GLN A 270 4.31 -8.27 18.66
C GLN A 270 5.45 -8.13 17.66
N LEU A 271 5.16 -8.13 16.37
CA LEU A 271 6.25 -8.03 15.39
C LEU A 271 6.87 -6.63 15.41
N LEU A 272 6.11 -5.63 15.88
CA LEU A 272 6.62 -4.28 15.90
C LEU A 272 7.43 -3.94 17.17
N PHE A 273 7.01 -4.50 18.31
CA PHE A 273 7.52 -4.13 19.62
C PHE A 273 8.17 -5.32 20.34
N GLY A 274 7.87 -6.54 19.91
CA GLY A 274 8.43 -7.71 20.58
C GLY A 274 7.90 -7.93 21.99
N ILE A 275 6.88 -7.17 22.39
CA ILE A 275 6.22 -7.40 23.66
C ILE A 275 4.80 -6.83 23.67
N ASP A 276 3.85 -7.56 24.24
CA ASP A 276 2.48 -7.05 24.30
C ASP A 276 2.39 -5.89 25.27
N SER A 277 1.54 -4.93 24.96
CA SER A 277 1.24 -3.85 25.89
C SER A 277 0.11 -4.31 26.80
N ASN A 278 -0.48 -3.39 27.54
CA ASN A 278 -1.50 -3.79 28.50
C ASN A 278 -2.87 -4.05 27.87
N THR A 279 -2.95 -5.07 27.03
CA THR A 279 -4.21 -5.39 26.37
C THR A 279 -4.67 -6.75 26.82
N PRO A 280 -5.92 -7.10 26.55
CA PRO A 280 -6.37 -8.38 27.09
C PRO A 280 -5.63 -9.60 26.53
N PHE A 281 -5.37 -10.55 27.40
CA PHE A 281 -4.66 -11.78 27.05
C PHE A 281 -3.26 -11.51 26.58
N ALA A 282 -2.61 -10.52 27.19
CA ALA A 282 -1.22 -10.20 26.84
C ALA A 282 -0.34 -11.43 27.01
N ASN A 283 0.58 -11.64 26.09
CA ASN A 283 1.50 -12.76 26.18
C ASN A 283 2.63 -12.44 27.17
N GLN A 284 3.01 -13.42 27.99
CA GLN A 284 3.98 -13.22 29.09
C GLN A 284 5.25 -14.03 28.95
N ASP A 285 5.46 -14.66 27.80
CA ASP A 285 6.60 -15.54 27.63
C ASP A 285 7.98 -14.91 27.79
N THR A 286 8.10 -13.59 27.64
CA THR A 286 9.41 -12.94 27.79
C THR A 286 9.52 -12.13 29.08
N LEU A 287 8.71 -12.52 30.07
CA LEU A 287 8.64 -11.77 31.31
C LEU A 287 10.00 -11.73 31.99
N ASP A 288 10.75 -12.83 31.91
CA ASP A 288 12.03 -12.95 32.59
C ASP A 288 13.22 -12.54 31.74
N LEU A 289 13.00 -12.15 30.49
CA LEU A 289 14.10 -11.68 29.66
C LEU A 289 14.29 -10.21 29.91
N THR A 290 15.51 -9.73 29.75
CA THR A 290 15.77 -8.30 29.71
C THR A 290 15.20 -7.76 28.40
N ARG A 291 15.03 -6.45 28.29
CA ARG A 291 14.58 -5.88 27.04
C ARG A 291 15.55 -6.29 25.93
N GLU A 292 16.83 -6.26 26.25
CA GLU A 292 17.88 -6.59 25.28
C GLU A 292 17.75 -8.04 24.86
N GLU A 293 17.51 -8.95 25.79
CA GLU A 293 17.29 -10.35 25.42
C GLU A 293 16.04 -10.49 24.54
N GLU A 294 15.00 -9.75 24.91
CA GLU A 294 13.75 -9.69 24.18
C GLU A 294 13.94 -9.18 22.75
N LEU A 295 14.72 -8.10 22.56
CA LEU A 295 14.94 -7.50 21.22
C LEU A 295 15.75 -8.41 20.33
N SER A 296 16.45 -9.31 20.98
CA SER A 296 17.33 -10.22 20.32
C SER A 296 16.46 -11.36 19.81
N LEU A 297 15.56 -11.87 20.64
CA LEU A 297 14.56 -12.86 20.23
C LEU A 297 13.63 -12.33 19.11
N LEU A 298 13.21 -11.08 19.24
CA LEU A 298 12.45 -10.39 18.20
C LEU A 298 13.16 -10.39 16.85
N GLN A 299 14.46 -10.12 16.85
CA GLN A 299 15.19 -10.06 15.60
C GLN A 299 15.23 -11.42 14.94
N GLU A 300 15.31 -12.44 15.77
CA GLU A 300 15.29 -13.80 15.30
C GLU A 300 13.91 -14.15 14.76
N ILE A 301 12.86 -13.72 15.46
CA ILE A 301 11.50 -13.99 15.07
C ILE A 301 11.18 -13.30 13.75
N ARG A 302 11.67 -12.08 13.57
CA ARG A 302 11.41 -11.33 12.34
C ARG A 302 11.98 -11.98 11.10
N THR A 303 13.13 -12.63 11.24
CA THR A 303 13.79 -13.18 10.05
C THR A 303 13.24 -14.55 9.67
N SER A 304 12.70 -15.27 10.64
CA SER A 304 12.27 -16.63 10.37
C SER A 304 10.77 -16.78 10.04
N LEU A 305 10.12 -15.70 9.62
CA LEU A 305 8.69 -15.77 9.31
C LEU A 305 8.43 -16.49 8.00
N TYR A 306 7.36 -17.28 7.99
CA TYR A 306 6.90 -17.96 6.79
C TYR A 306 6.79 -17.00 5.61
N HIS A 307 7.47 -17.34 4.53
CA HIS A 307 7.24 -16.63 3.30
C HIS A 307 6.75 -17.52 2.17
N PRO A 308 5.61 -17.15 1.56
CA PRO A 308 4.99 -17.99 0.53
C PRO A 308 5.75 -17.96 -0.81
N SER A 309 5.54 -18.97 -1.62
CA SER A 309 6.21 -18.96 -2.93
C SER A 309 5.22 -18.80 -4.09
N THR A 310 5.72 -18.26 -5.19
CA THR A 310 5.06 -18.26 -6.50
C THR A 310 4.32 -19.61 -6.74
N PRO A 311 2.99 -19.54 -6.95
CA PRO A 311 2.17 -20.72 -7.20
C PRO A 311 2.44 -21.34 -8.58
N PRO A 312 1.93 -22.56 -8.84
CA PRO A 312 2.18 -23.11 -10.18
C PRO A 312 1.45 -22.31 -11.27
N ALA A 313 2.07 -22.15 -12.43
CA ALA A 313 1.41 -21.50 -13.58
C ALA A 313 0.17 -22.29 -13.97
N SER A 314 -0.86 -21.63 -14.49
CA SER A 314 -1.99 -22.38 -15.03
C SER A 314 -1.53 -22.96 -16.37
N SER A 315 -2.24 -23.99 -16.84
CA SER A 315 -1.74 -24.71 -18.04
C SER A 315 -1.67 -23.88 -19.32
N ARG A 316 -2.33 -22.72 -19.36
CA ARG A 316 -2.22 -21.86 -20.54
C ARG A 316 -1.97 -20.41 -20.23
N SER A 317 -0.88 -20.16 -19.50
CA SER A 317 -0.42 -18.81 -19.17
C SER A 317 0.54 -18.31 -20.23
N TRP A 318 0.76 -17.01 -20.27
CA TRP A 318 1.77 -16.46 -21.13
C TRP A 318 2.65 -15.60 -20.27
N SER A 319 3.90 -15.45 -20.68
CA SER A 319 4.84 -14.57 -20.01
C SER A 319 5.45 -13.67 -21.06
N PRO A 320 5.60 -12.39 -20.72
CA PRO A 320 6.10 -11.35 -21.62
C PRO A 320 7.57 -11.58 -22.04
N VAL A 321 7.84 -11.27 -23.29
CA VAL A 321 9.15 -11.41 -23.90
C VAL A 321 9.40 -10.05 -24.57
N VAL A 322 10.64 -9.57 -24.46
CA VAL A 322 11.00 -8.25 -25.03
C VAL A 322 10.65 -8.25 -26.50
N GLY A 323 10.02 -7.17 -26.98
CA GLY A 323 9.67 -7.06 -28.41
C GLY A 323 8.32 -7.62 -28.85
N GLN A 324 7.64 -8.34 -27.95
CA GLN A 324 6.31 -8.92 -28.17
C GLN A 324 5.25 -7.86 -28.41
N LEU A 325 4.33 -8.16 -29.31
CA LEU A 325 3.11 -7.35 -29.47
C LEU A 325 2.14 -7.73 -28.36
N VAL A 326 1.69 -6.74 -27.61
CA VAL A 326 0.77 -7.00 -26.52
C VAL A 326 -0.22 -5.86 -26.55
N GLN A 327 -1.34 -6.00 -25.85
CA GLN A 327 -2.34 -4.96 -25.82
C GLN A 327 -2.76 -4.67 -24.41
N GLU A 328 -2.90 -3.38 -24.11
CA GLU A 328 -3.27 -2.94 -22.79
C GLU A 328 -4.79 -2.88 -22.70
N ARG A 329 -5.32 -3.33 -21.57
CA ARG A 329 -6.75 -3.26 -21.31
C ARG A 329 -7.21 -1.81 -21.26
N VAL A 330 -8.30 -1.48 -21.94
CA VAL A 330 -8.86 -0.13 -21.83
C VAL A 330 -9.37 0.07 -20.39
N ALA A 331 -9.06 1.20 -19.79
CA ALA A 331 -9.34 1.42 -18.38
C ALA A 331 -10.86 1.43 -18.03
N ARG A 332 -11.58 2.42 -18.55
CA ARG A 332 -13.02 2.50 -18.32
C ARG A 332 -13.70 2.51 -19.70
N PRO A 333 -13.88 1.32 -20.30
CA PRO A 333 -14.35 1.31 -21.68
C PRO A 333 -15.81 1.70 -21.71
N ALA A 334 -16.13 2.59 -22.64
CA ALA A 334 -17.49 3.05 -22.85
C ALA A 334 -18.36 1.91 -23.42
N SER A 335 -19.67 2.11 -23.31
CA SER A 335 -20.61 1.12 -23.79
C SER A 335 -20.38 0.81 -25.26
N LEU A 336 -20.25 -0.47 -25.58
CA LEU A 336 -20.08 -0.90 -26.97
C LEU A 336 -18.78 -0.42 -27.62
N ARG A 337 -17.75 -0.21 -26.81
CA ARG A 337 -16.42 0.13 -27.33
C ARG A 337 -15.42 -0.96 -26.96
N PRO A 338 -14.33 -1.09 -27.75
CA PRO A 338 -13.36 -2.13 -27.45
C PRO A 338 -12.80 -2.09 -26.03
N ARG A 339 -12.57 -3.27 -25.47
CA ARG A 339 -12.04 -3.44 -24.14
C ARG A 339 -10.51 -3.44 -24.19
N TRP A 340 -9.93 -3.41 -25.39
CA TRP A 340 -8.47 -3.37 -25.54
C TRP A 340 -7.96 -2.22 -26.40
N HIS A 341 -6.80 -1.68 -26.07
CA HIS A 341 -6.09 -0.73 -26.91
C HIS A 341 -5.43 -1.42 -28.10
N LYS A 342 -4.95 -0.61 -29.06
CA LYS A 342 -4.21 -1.08 -30.24
C LYS A 342 -2.96 -1.79 -29.80
N PRO A 343 -2.44 -2.70 -30.63
CA PRO A 343 -1.23 -3.42 -30.22
C PRO A 343 -0.05 -2.48 -29.92
N SER A 344 0.73 -2.84 -28.91
CA SER A 344 1.95 -2.12 -28.58
C SER A 344 3.07 -3.09 -28.26
N THR A 345 4.30 -2.60 -28.13
CA THR A 345 5.48 -3.49 -28.04
C THR A 345 6.09 -3.48 -26.64
N VAL A 346 6.59 -4.64 -26.22
CA VAL A 346 7.24 -4.78 -24.92
C VAL A 346 8.68 -4.26 -25.04
N LEU A 347 8.96 -3.12 -24.39
CA LEU A 347 10.31 -2.56 -24.39
C LEU A 347 11.18 -3.33 -23.42
N LYS A 348 10.73 -3.41 -22.17
CA LYS A 348 11.51 -4.07 -21.15
C LYS A 348 10.63 -4.95 -20.28
N VAL A 349 11.16 -6.12 -19.92
CA VAL A 349 10.55 -7.03 -18.96
C VAL A 349 11.14 -6.79 -17.57
N LEU A 350 10.55 -5.88 -16.80
CA LEU A 350 10.98 -5.61 -15.42
C LEU A 350 11.03 -6.86 -14.53
N ASN A 351 9.95 -7.65 -14.57
CA ASN A 351 9.91 -8.98 -13.94
C ASN A 351 8.82 -9.75 -14.66
N PRO A 352 8.69 -11.06 -14.40
CA PRO A 352 7.75 -11.86 -15.19
C PRO A 352 6.28 -11.36 -15.16
N ARG A 353 5.95 -10.44 -14.25
CA ARG A 353 4.59 -9.96 -14.12
C ARG A 353 4.45 -8.46 -14.39
N THR A 354 5.56 -7.82 -14.77
CA THR A 354 5.57 -6.34 -14.94
C THR A 354 6.43 -5.94 -16.13
N VAL A 355 5.91 -5.06 -16.99
CA VAL A 355 6.62 -4.67 -18.19
C VAL A 355 6.50 -3.19 -18.51
N VAL A 356 7.45 -2.72 -19.33
CA VAL A 356 7.35 -1.41 -19.97
C VAL A 356 6.95 -1.63 -21.43
N ILE A 357 5.94 -0.89 -21.87
CA ILE A 357 5.50 -0.97 -23.24
C ILE A 357 5.61 0.39 -23.92
N LEU A 358 5.86 0.34 -25.24
CA LEU A 358 5.75 1.52 -26.10
C LEU A 358 4.32 1.57 -26.66
N ASP A 359 3.53 2.44 -26.05
CA ASP A 359 2.08 2.29 -26.10
C ASP A 359 1.37 2.99 -27.25
N HIS A 360 0.05 3.10 -27.06
CA HIS A 360 -0.89 3.64 -28.06
C HIS A 360 -0.66 5.13 -28.32
N LEU A 361 -0.26 5.87 -27.27
CA LEU A 361 0.12 7.29 -27.41
C LEU A 361 1.59 7.51 -27.84
N GLY A 362 2.39 6.44 -28.02
CA GLY A 362 3.85 6.58 -28.20
C GLY A 362 4.60 6.81 -26.88
N ASN A 363 4.02 6.36 -25.77
CA ASN A 363 4.63 6.58 -24.46
C ASN A 363 5.13 5.29 -23.86
N ASN A 364 6.12 5.42 -22.99
CA ASN A 364 6.55 4.36 -22.10
C ASN A 364 5.52 4.28 -20.99
N ARG A 365 4.96 3.08 -20.79
CA ARG A 365 4.05 2.85 -19.68
C ARG A 365 4.53 1.64 -18.94
N THR A 366 4.48 1.70 -17.62
CA THR A 366 4.80 0.54 -16.80
C THR A 366 3.47 -0.05 -16.37
N VAL A 367 3.32 -1.33 -16.66
CA VAL A 367 2.02 -1.93 -16.73
C VAL A 367 2.10 -3.35 -16.18
N SER A 368 1.05 -3.79 -15.51
CA SER A 368 0.95 -5.15 -15.01
C SER A 368 0.57 -6.09 -16.14
N ILE A 369 1.13 -7.28 -16.14
CA ILE A 369 0.73 -8.35 -17.09
C ILE A 369 -0.79 -8.62 -17.07
N ASP A 370 -1.42 -8.39 -15.92
CA ASP A 370 -2.85 -8.64 -15.76
C ASP A 370 -3.65 -7.66 -16.58
N ASN A 371 -3.03 -6.58 -17.02
CA ASN A 371 -3.74 -5.62 -17.84
C ASN A 371 -3.27 -5.68 -19.28
N LEU A 372 -2.75 -6.84 -19.65
CA LEU A 372 -2.22 -7.08 -20.97
C LEU A 372 -2.74 -8.39 -21.53
N LYS A 373 -2.97 -8.40 -22.85
CA LYS A 373 -3.02 -9.68 -23.57
C LYS A 373 -1.98 -9.72 -24.67
N PRO A 374 -1.46 -10.91 -24.96
CA PRO A 374 -0.58 -11.02 -26.10
C PRO A 374 -1.41 -10.92 -27.35
N THR A 375 -0.99 -10.09 -28.29
CA THR A 375 -1.71 -9.99 -29.56
C THR A 375 -1.75 -11.33 -30.26
N SER A 376 -2.91 -11.67 -30.81
CA SER A 376 -3.14 -12.99 -31.41
C SER A 376 -2.60 -13.06 -32.83
N HIS A 377 -2.21 -14.25 -33.25
CA HIS A 377 -1.78 -14.46 -34.64
C HIS A 377 -0.50 -13.71 -35.01
N GLN A 378 0.28 -13.26 -34.00
CA GLN A 378 1.55 -12.48 -34.18
C GLN A 378 1.44 -11.09 -34.88
N ASP B 119 12.56 -10.44 40.91
CA ASP B 119 11.85 -9.27 40.28
C ASP B 119 12.09 -9.17 38.76
N ARG B 120 11.00 -9.01 38.00
CA ARG B 120 11.06 -9.01 36.53
C ARG B 120 11.70 -7.72 35.98
N PRO B 121 12.52 -7.85 34.90
CA PRO B 121 13.15 -6.70 34.24
C PRO B 121 12.14 -5.67 33.68
N GLN B 122 12.55 -4.42 33.67
CA GLN B 122 11.70 -3.32 33.22
C GLN B 122 11.45 -3.39 31.70
N LYS B 123 10.26 -2.99 31.27
CA LYS B 123 9.83 -3.16 29.89
C LYS B 123 9.07 -1.96 29.37
N PRO B 124 9.02 -1.79 28.03
CA PRO B 124 8.15 -0.79 27.42
C PRO B 124 6.71 -1.06 27.83
N PHE B 125 5.94 0.01 28.03
CA PHE B 125 4.50 -0.09 28.36
C PHE B 125 4.24 -0.38 29.82
N ASP B 126 5.30 -0.64 30.58
CA ASP B 126 5.21 -0.84 32.03
C ASP B 126 4.70 0.41 32.73
N LYS B 127 5.16 1.56 32.28
CA LYS B 127 4.83 2.80 32.93
C LYS B 127 4.93 3.94 31.91
N PHE B 128 3.87 4.72 31.79
CA PHE B 128 3.92 5.94 30.99
C PHE B 128 3.92 7.10 31.97
N PHE B 129 4.79 8.06 31.74
CA PHE B 129 4.82 9.24 32.59
C PHE B 129 4.21 10.35 31.78
N ILE B 130 3.23 11.00 32.38
CA ILE B 130 2.49 12.06 31.69
C ILE B 130 2.52 13.40 32.44
N ASP B 131 2.45 14.47 31.67
CA ASP B 131 2.48 15.79 32.23
C ASP B 131 2.10 16.82 31.20
N TYR B 132 1.57 17.95 31.65
CA TYR B 132 1.30 19.07 30.76
C TYR B 132 2.43 20.09 30.77
N ILE B 133 2.62 20.73 29.62
CA ILE B 133 3.53 21.85 29.48
C ILE B 133 2.70 22.98 28.89
N GLY B 134 2.76 24.16 29.50
CA GLY B 134 2.04 25.33 29.00
C GLY B 134 1.40 26.09 30.14
N PRO B 135 0.63 27.16 29.85
CA PRO B 135 0.19 27.61 28.51
C PRO B 135 1.33 28.13 27.68
N LEU B 136 1.19 28.01 26.36
CA LEU B 136 2.18 28.47 25.41
C LEU B 136 1.52 29.49 24.49
N PRO B 137 2.29 30.17 23.63
CA PRO B 137 1.58 31.04 22.69
C PRO B 137 0.69 30.20 21.79
N PRO B 138 -0.49 30.73 21.41
CA PRO B 138 -1.43 29.97 20.59
C PRO B 138 -0.78 29.48 19.30
N SER B 139 -0.91 28.20 18.99
CA SER B 139 -0.50 27.70 17.66
C SER B 139 -1.58 26.82 17.05
N GLN B 140 -2.12 27.25 15.92
CA GLN B 140 -3.31 26.64 15.31
C GLN B 140 -4.43 26.44 16.34
N GLY B 141 -4.52 27.35 17.31
CA GLY B 141 -5.57 27.30 18.31
C GLY B 141 -5.22 26.49 19.56
N TYR B 142 -4.07 25.83 19.55
CA TYR B 142 -3.64 25.01 20.68
C TYR B 142 -2.78 25.78 21.68
N LEU B 143 -2.85 25.36 22.94
CA LEU B 143 -2.18 26.06 24.04
C LEU B 143 -1.29 25.20 24.96
N TYR B 144 -1.46 23.87 24.96
CA TYR B 144 -0.65 23.01 25.83
C TYR B 144 -0.01 21.84 25.08
N VAL B 145 0.86 21.11 25.75
CA VAL B 145 1.37 19.88 25.18
C VAL B 145 1.23 18.84 26.24
N LEU B 146 0.53 17.76 25.92
CA LEU B 146 0.54 16.64 26.80
C LEU B 146 1.78 15.84 26.45
N VAL B 147 2.59 15.54 27.46
CA VAL B 147 3.87 14.88 27.27
C VAL B 147 3.71 13.50 27.84
N VAL B 148 4.05 12.49 27.04
CA VAL B 148 4.03 11.12 27.52
C VAL B 148 5.38 10.50 27.26
N VAL B 149 5.93 9.90 28.29
CA VAL B 149 7.23 9.31 28.17
C VAL B 149 7.16 7.91 28.70
N ASP B 150 7.58 6.97 27.86
CA ASP B 150 7.68 5.60 28.31
C ASP B 150 8.87 5.51 29.25
N GLY B 151 8.66 4.88 30.40
CA GLY B 151 9.65 4.81 31.45
C GLY B 151 10.85 3.98 31.04
N MET B 152 10.59 2.75 30.60
CA MET B 152 11.69 1.88 30.16
C MET B 152 12.53 2.43 29.01
N THR B 153 11.89 2.88 27.93
CA THR B 153 12.63 3.24 26.70
C THR B 153 12.99 4.74 26.62
N GLY B 154 12.26 5.58 27.35
CA GLY B 154 12.41 7.01 27.19
C GLY B 154 11.74 7.56 25.94
N PHE B 155 10.94 6.71 25.28
CA PHE B 155 10.16 7.15 24.11
C PHE B 155 9.13 8.23 24.47
N THR B 156 9.07 9.24 23.62
CA THR B 156 8.20 10.39 23.88
C THR B 156 7.11 10.49 22.81
N TRP B 157 5.88 10.68 23.29
CA TRP B 157 4.76 11.09 22.47
C TRP B 157 4.25 12.42 23.00
N LEU B 158 3.98 13.34 22.08
CA LEU B 158 3.46 14.66 22.40
C LEU B 158 2.08 14.90 21.78
N TYR B 159 1.16 15.50 22.55
CA TYR B 159 -0.16 15.85 22.02
C TYR B 159 -0.55 17.27 22.35
N PRO B 160 -0.81 18.09 21.31
CA PRO B 160 -1.27 19.47 21.47
C PRO B 160 -2.69 19.47 22.02
N THR B 161 -2.95 20.29 23.02
CA THR B 161 -4.31 20.44 23.54
C THR B 161 -4.69 21.92 23.74
N LYS B 162 -5.97 22.20 23.97
CA LYS B 162 -6.42 23.58 24.20
C LYS B 162 -6.59 23.88 25.69
N ALA B 163 -6.45 22.86 26.52
CA ALA B 163 -6.63 23.03 27.96
C ALA B 163 -5.99 21.86 28.69
N PRO B 164 -5.55 22.09 29.93
CA PRO B 164 -5.04 20.97 30.72
C PRO B 164 -6.19 20.30 31.45
N SER B 165 -7.20 19.86 30.71
CA SER B 165 -8.42 19.34 31.31
C SER B 165 -8.46 17.84 31.24
N THR B 166 -9.29 17.21 32.07
CA THR B 166 -9.51 15.78 31.97
C THR B 166 -9.92 15.38 30.56
N SER B 167 -10.84 16.16 29.99
CA SER B 167 -11.35 15.92 28.64
C SER B 167 -10.26 15.90 27.57
N ALA B 168 -9.35 16.88 27.59
CA ALA B 168 -8.28 16.98 26.58
C ALA B 168 -7.28 15.85 26.78
N THR B 169 -7.18 15.39 28.01
CA THR B 169 -6.24 14.34 28.36
C THR B 169 -6.79 13.04 27.84
N VAL B 170 -8.10 12.84 28.05
CA VAL B 170 -8.78 11.64 27.57
C VAL B 170 -8.74 11.59 26.03
N LYS B 171 -9.07 12.70 25.38
CA LYS B 171 -9.04 12.72 23.92
C LYS B 171 -7.66 12.36 23.39
N SER B 172 -6.62 12.92 24.02
CA SER B 172 -5.25 12.67 23.59
C SER B 172 -4.81 11.26 23.91
N LEU B 173 -5.05 10.80 25.11
CA LEU B 173 -4.64 9.45 25.48
C LEU B 173 -5.41 8.36 24.74
N ASN B 174 -6.63 8.68 24.32
CA ASN B 174 -7.40 7.81 23.45
C ASN B 174 -6.65 7.53 22.18
N VAL B 175 -5.98 8.52 21.61
CA VAL B 175 -5.13 8.28 20.45
C VAL B 175 -3.98 7.33 20.78
N LEU B 176 -3.21 7.64 21.81
CA LEU B 176 -2.06 6.85 22.17
C LEU B 176 -2.44 5.42 22.52
N THR B 177 -3.57 5.28 23.22
CA THR B 177 -3.93 3.99 23.76
C THR B 177 -4.65 3.17 22.72
N SER B 178 -4.85 3.78 21.56
CA SER B 178 -5.25 3.02 20.38
C SER B 178 -3.99 2.49 19.66
N ILE B 179 -2.81 2.87 20.14
CA ILE B 179 -1.56 2.23 19.68
C ILE B 179 -0.95 1.28 20.71
N ALA B 180 -0.91 1.67 21.98
CA ALA B 180 -0.35 0.80 23.03
C ALA B 180 -0.91 1.19 24.36
N ILE B 181 -1.19 0.21 25.21
CA ILE B 181 -1.75 0.52 26.51
C ILE B 181 -0.73 0.29 27.61
N PRO B 182 -0.51 1.30 28.48
CA PRO B 182 0.43 1.15 29.58
C PRO B 182 -0.24 0.45 30.74
N LYS B 183 0.52 -0.30 31.53
CA LYS B 183 -0.02 -0.90 32.76
C LYS B 183 -0.29 0.19 33.80
N VAL B 184 0.63 1.16 33.85
CA VAL B 184 0.60 2.21 34.86
C VAL B 184 0.81 3.54 34.17
N ILE B 185 -0.05 4.51 34.50
CA ILE B 185 0.22 5.90 34.17
C ILE B 185 0.67 6.61 35.46
N HIS B 186 1.84 7.24 35.41
CA HIS B 186 2.33 8.09 36.49
C HIS B 186 2.15 9.57 36.18
N SER B 187 1.63 10.31 37.15
CA SER B 187 1.56 11.77 37.00
C SER B 187 1.71 12.46 38.37
N ASP B 188 1.81 13.79 38.34
CA ASP B 188 1.62 14.56 39.57
C ASP B 188 0.11 14.69 39.88
N GLN B 189 -0.24 15.52 40.86
CA GLN B 189 -1.63 15.64 41.25
C GLN B 189 -2.32 16.78 40.52
N GLY B 190 -1.97 16.96 39.25
CA GLY B 190 -2.76 17.82 38.36
C GLY B 190 -4.26 17.53 38.46
N ALA B 191 -5.07 18.57 38.24
CA ALA B 191 -6.52 18.45 38.40
C ALA B 191 -7.03 17.46 37.36
N ALA B 192 -6.56 17.64 36.12
CA ALA B 192 -6.91 16.78 35.02
C ALA B 192 -6.72 15.32 35.34
N PHE B 193 -5.69 14.98 36.12
CA PHE B 193 -5.31 13.58 36.36
C PHE B 193 -5.90 13.00 37.62
N THR B 194 -6.39 13.86 38.51
CA THR B 194 -6.95 13.32 39.76
C THR B 194 -8.48 13.27 39.76
N SER B 195 -9.09 13.79 38.69
CA SER B 195 -10.55 13.82 38.54
C SER B 195 -11.11 12.41 38.54
N SER B 196 -12.36 12.26 38.95
CA SER B 196 -12.93 10.92 38.94
C SER B 196 -13.22 10.40 37.52
N THR B 197 -13.47 11.33 36.59
CA THR B 197 -13.61 10.99 35.19
C THR B 197 -12.37 10.29 34.66
N PHE B 198 -11.19 10.87 34.92
CA PHE B 198 -9.95 10.26 34.45
C PHE B 198 -9.71 8.92 35.15
N ALA B 199 -10.08 8.84 36.42
CA ALA B 199 -9.99 7.56 37.11
C ALA B 199 -10.90 6.51 36.43
N GLU B 200 -12.12 6.92 36.06
CA GLU B 200 -13.06 6.04 35.34
C GLU B 200 -12.40 5.50 34.07
N TRP B 201 -11.90 6.44 33.26
CA TRP B 201 -11.23 6.17 32.01
C TRP B 201 -10.15 5.10 32.19
N ALA B 202 -9.30 5.28 33.19
CA ALA B 202 -8.19 4.38 33.40
C ALA B 202 -8.66 3.02 33.87
N LYS B 203 -9.65 3.02 34.74
CA LYS B 203 -10.23 1.79 35.24
C LYS B 203 -10.79 0.98 34.05
N GLU B 204 -11.49 1.67 33.15
CA GLU B 204 -12.09 1.05 31.98
C GLU B 204 -11.02 0.29 31.19
N ARG B 205 -9.81 0.80 31.19
CA ARG B 205 -8.77 0.24 30.33
C ARG B 205 -7.79 -0.65 31.09
N GLY B 206 -8.08 -0.95 32.35
CA GLY B 206 -7.18 -1.76 33.16
C GLY B 206 -5.85 -1.11 33.49
N ILE B 207 -5.77 0.22 33.31
CA ILE B 207 -4.59 1.02 33.64
C ILE B 207 -4.58 1.45 35.12
N HIS B 208 -3.55 1.06 35.85
CA HIS B 208 -3.37 1.55 37.21
C HIS B 208 -2.92 3.03 37.19
N LEU B 209 -3.51 3.86 38.03
CA LEU B 209 -3.08 5.25 38.14
C LEU B 209 -2.11 5.49 39.31
N GLU B 210 -1.07 6.28 39.05
CA GLU B 210 -0.03 6.52 40.05
C GLU B 210 0.36 7.98 40.18
N PHE B 211 0.27 8.45 41.42
CA PHE B 211 0.50 9.84 41.73
C PHE B 211 1.71 10.08 42.60
N SER B 212 2.52 11.05 42.20
CA SER B 212 3.55 11.58 43.06
C SER B 212 2.88 12.40 44.15
N THR B 213 3.49 12.47 45.33
CA THR B 213 2.94 13.24 46.45
C THR B 213 2.98 14.74 46.11
N PRO B 214 1.98 15.52 46.58
CA PRO B 214 1.94 16.93 46.20
C PRO B 214 3.24 17.68 46.51
N TYR B 215 3.62 18.57 45.60
CA TYR B 215 4.83 19.40 45.71
C TYR B 215 6.14 18.60 45.60
N HIS B 216 6.06 17.27 45.44
CA HIS B 216 7.24 16.41 45.36
C HIS B 216 7.19 15.47 44.13
N PRO B 217 7.45 16.01 42.93
CA PRO B 217 7.43 15.17 41.73
C PRO B 217 8.60 14.17 41.66
N GLN B 218 8.31 12.88 41.50
CA GLN B 218 9.36 11.89 41.29
C GLN B 218 9.04 10.96 40.10
N SER B 219 10.02 10.83 39.20
CA SER B 219 9.88 9.99 38.03
C SER B 219 10.90 8.88 38.12
N SER B 220 11.94 9.05 37.32
CA SER B 220 13.17 8.28 37.36
C SER B 220 14.19 9.24 36.77
N GLY B 221 15.48 8.93 36.95
CA GLY B 221 16.53 9.73 36.35
C GLY B 221 16.25 9.94 34.89
N LYS B 222 16.08 8.83 34.19
CA LYS B 222 15.85 8.79 32.74
C LYS B 222 14.71 9.70 32.28
N VAL B 223 13.58 9.60 32.97
CA VAL B 223 12.42 10.41 32.64
C VAL B 223 12.64 11.89 32.92
N GLU B 224 13.11 12.20 34.13
CA GLU B 224 13.47 13.59 34.53
C GLU B 224 14.31 14.26 33.46
N ARG B 225 15.38 13.57 33.07
CA ARG B 225 16.31 14.06 32.06
C ARG B 225 15.61 14.28 30.73
N LYS B 226 14.72 13.35 30.38
CA LYS B 226 13.98 13.46 29.13
C LYS B 226 13.04 14.65 29.15
N ASN B 227 12.29 14.81 30.24
CA ASN B 227 11.36 15.93 30.39
C ASN B 227 12.09 17.24 30.29
N SER B 228 13.30 17.25 30.85
CA SER B 228 14.18 18.39 30.75
C SER B 228 14.49 18.71 29.30
N ASP B 229 15.04 17.73 28.55
CA ASP B 229 15.34 17.92 27.14
C ASP B 229 14.14 18.47 26.40
N ILE B 230 12.97 17.88 26.66
CA ILE B 230 11.72 18.32 26.03
C ILE B 230 11.47 19.81 26.26
N LYS B 231 11.49 20.23 27.53
CA LYS B 231 11.26 21.66 27.85
C LYS B 231 12.30 22.53 27.14
N ARG B 232 13.58 22.18 27.25
CA ARG B 232 14.63 22.96 26.64
C ARG B 232 14.49 23.02 25.14
N LEU B 233 14.31 21.87 24.49
CA LEU B 233 14.17 21.82 23.03
C LEU B 233 12.98 22.64 22.51
N LEU B 234 11.85 22.58 23.21
CA LEU B 234 10.70 23.39 22.85
C LEU B 234 11.05 24.88 22.85
N THR B 235 11.53 25.37 24.00
CA THR B 235 12.00 26.75 24.18
C THR B 235 12.92 27.17 23.06
N LYS B 236 13.88 26.31 22.71
CA LYS B 236 14.85 26.66 21.68
C LYS B 236 14.19 26.93 20.33
N LEU B 237 13.17 26.14 19.98
CA LEU B 237 12.61 26.29 18.64
C LEU B 237 11.41 27.25 18.58
N LEU B 238 10.70 27.39 19.69
CA LEU B 238 9.63 28.37 19.76
C LEU B 238 10.14 29.82 19.72
N VAL B 239 11.41 30.07 20.03
CA VAL B 239 11.96 31.43 19.86
C VAL B 239 12.22 31.69 18.37
N GLY B 240 11.86 32.89 17.93
CA GLY B 240 11.86 33.22 16.51
C GLY B 240 10.51 32.92 15.87
N ARG B 241 9.92 31.78 16.21
CA ARG B 241 8.62 31.35 15.70
C ARG B 241 7.69 30.82 16.81
N PRO B 242 7.28 31.68 17.77
CA PRO B 242 6.60 31.24 18.99
C PRO B 242 5.19 30.70 18.74
N THR B 243 4.79 30.77 17.47
CA THR B 243 3.41 30.64 17.06
C THR B 243 3.31 29.49 16.03
N LYS B 244 4.46 28.88 15.73
CA LYS B 244 4.52 27.84 14.71
C LYS B 244 4.86 26.46 15.31
N TRP B 245 4.69 26.29 16.62
CA TRP B 245 5.11 25.05 17.26
C TRP B 245 4.26 23.83 16.95
N TYR B 246 2.97 24.05 16.71
CA TYR B 246 2.07 22.96 16.32
C TYR B 246 2.67 22.15 15.17
N ASP B 247 3.17 22.81 14.14
CA ASP B 247 3.74 22.13 12.98
C ASP B 247 5.04 21.43 13.28
N LEU B 248 5.68 21.79 14.38
CA LEU B 248 7.00 21.27 14.67
C LEU B 248 6.99 20.07 15.59
N LEU B 249 5.85 19.80 16.22
CA LEU B 249 5.77 18.68 17.13
C LEU B 249 6.29 17.36 16.54
N PRO B 250 5.92 17.03 15.28
CA PRO B 250 6.52 15.81 14.73
C PRO B 250 8.06 15.76 14.75
N VAL B 251 8.70 16.84 14.33
CA VAL B 251 10.14 16.79 14.22
C VAL B 251 10.78 16.79 15.62
N VAL B 252 10.15 17.50 16.54
CA VAL B 252 10.54 17.47 17.94
C VAL B 252 10.59 16.04 18.47
N GLN B 253 9.52 15.27 18.26
CA GLN B 253 9.44 13.90 18.73
C GLN B 253 10.47 12.97 18.10
N LEU B 254 10.67 13.10 16.80
CA LEU B 254 11.66 12.30 16.12
C LEU B 254 13.03 12.54 16.72
N ALA B 255 13.37 13.83 16.87
CA ALA B 255 14.61 14.29 17.53
C ALA B 255 14.76 13.59 18.87
N LEU B 256 13.80 13.82 19.76
CA LEU B 256 13.83 13.23 21.09
C LEU B 256 14.00 11.72 21.07
N ASN B 257 13.38 11.06 20.09
CA ASN B 257 13.28 9.61 20.12
C ASN B 257 14.45 8.98 19.38
N ASN B 258 15.14 9.81 18.62
CA ASN B 258 16.36 9.36 17.98
C ASN B 258 17.63 9.97 18.59
N THR B 259 17.51 10.38 19.86
CA THR B 259 18.61 10.94 20.62
C THR B 259 19.29 9.86 21.45
N TYR B 260 20.60 9.74 21.26
CA TYR B 260 21.40 8.77 21.99
C TYR B 260 21.36 8.99 23.53
N SER B 261 21.05 7.91 24.26
CA SER B 261 21.03 7.90 25.73
C SER B 261 22.41 7.52 26.29
N PRO B 262 23.07 8.44 27.03
CA PRO B 262 24.39 8.10 27.58
C PRO B 262 24.40 6.84 28.46
N VAL B 263 23.39 6.66 29.32
CA VAL B 263 23.32 5.52 30.27
C VAL B 263 23.08 4.15 29.61
N LEU B 264 22.12 4.09 28.68
CA LEU B 264 21.96 2.90 27.82
C LEU B 264 22.69 3.18 26.52
N LYS B 265 23.00 2.13 25.77
CA LYS B 265 23.77 2.32 24.55
C LYS B 265 22.90 2.70 23.34
N TYR B 266 21.64 3.09 23.60
CA TYR B 266 20.61 3.11 22.55
C TYR B 266 19.66 4.29 22.60
N THR B 267 19.11 4.67 21.44
CA THR B 267 18.01 5.65 21.40
C THR B 267 16.68 5.02 21.83
N PRO B 268 15.67 5.84 22.20
CA PRO B 268 14.35 5.28 22.49
C PRO B 268 13.77 4.53 21.31
N HIS B 269 13.88 5.08 20.11
CA HIS B 269 13.47 4.35 18.92
C HIS B 269 14.00 2.92 18.93
N GLN B 270 15.31 2.75 19.07
CA GLN B 270 15.93 1.42 19.07
C GLN B 270 15.39 0.52 20.17
N LEU B 271 15.10 1.09 21.33
CA LEU B 271 14.64 0.30 22.45
C LEU B 271 13.18 -0.12 22.27
N LEU B 272 12.44 0.71 21.54
CA LEU B 272 11.05 0.46 21.34
C LEU B 272 10.82 -0.55 20.20
N PHE B 273 11.57 -0.38 19.11
CA PHE B 273 11.35 -1.19 17.93
C PHE B 273 12.41 -2.25 17.67
N GLY B 274 13.56 -2.19 18.35
CA GLY B 274 14.65 -3.11 18.10
C GLY B 274 15.32 -3.01 16.73
N ILE B 275 15.37 -1.81 16.15
CA ILE B 275 16.02 -1.58 14.85
C ILE B 275 16.64 -0.18 14.84
N ASP B 276 17.51 0.09 13.88
CA ASP B 276 17.97 1.46 13.70
C ASP B 276 16.82 2.23 13.08
N SER B 277 16.94 3.54 13.08
CA SER B 277 15.91 4.42 12.58
C SER B 277 16.30 4.96 11.20
N ASN B 278 15.36 5.43 10.42
CA ASN B 278 15.70 6.03 9.13
C ASN B 278 15.97 7.52 9.25
N THR B 279 15.79 8.05 10.44
CA THR B 279 16.15 9.42 10.73
C THR B 279 17.04 9.45 11.96
N PRO B 280 18.34 9.14 11.78
CA PRO B 280 19.23 9.24 12.93
C PRO B 280 19.59 10.70 13.12
N PHE B 281 19.54 11.20 14.34
CA PHE B 281 19.92 12.59 14.53
C PHE B 281 21.37 12.59 15.02
N ALA B 282 22.27 12.57 14.03
CA ALA B 282 23.71 12.34 14.21
C ALA B 282 24.35 13.50 14.96
N ASN B 283 23.88 14.71 14.65
CA ASN B 283 24.21 15.89 15.46
C ASN B 283 23.48 15.83 16.82
N GLN B 284 24.21 15.38 17.86
CA GLN B 284 23.88 15.70 19.23
C GLN B 284 24.05 17.23 19.31
N ASP B 285 22.95 17.94 19.57
CA ASP B 285 22.91 19.40 19.36
C ASP B 285 23.27 20.29 20.55
N THR B 286 23.29 21.61 20.31
CA THR B 286 23.56 22.62 21.33
C THR B 286 22.51 22.55 22.44
N LEU B 287 21.23 22.64 22.02
CA LEU B 287 20.10 22.67 22.94
C LEU B 287 20.09 23.94 23.81
N ASP B 288 21.22 24.65 23.78
CA ASP B 288 21.38 25.94 24.46
C ASP B 288 21.04 27.08 23.50
N LEU B 289 20.54 28.16 24.07
CA LEU B 289 20.17 29.35 23.31
C LEU B 289 21.42 30.18 22.96
N THR B 290 21.60 30.45 21.65
CA THR B 290 22.70 31.29 21.17
C THR B 290 22.52 32.72 21.66
N ARG B 291 23.60 33.51 21.69
CA ARG B 291 23.55 34.87 22.24
C ARG B 291 22.42 35.71 21.61
N GLU B 292 22.20 35.53 20.30
CA GLU B 292 21.12 36.20 19.56
C GLU B 292 19.73 35.83 20.08
N GLU B 293 19.54 34.56 20.42
CA GLU B 293 18.27 34.04 20.93
C GLU B 293 17.93 34.48 22.35
N GLU B 294 18.95 34.59 23.21
CA GLU B 294 18.78 35.12 24.57
C GLU B 294 18.27 36.56 24.52
N LEU B 295 18.80 37.33 23.57
CA LEU B 295 18.46 38.74 23.38
C LEU B 295 17.04 38.95 22.84
N SER B 296 16.59 38.09 21.92
CA SER B 296 15.23 38.17 21.36
C SER B 296 14.19 37.32 22.11
N LEU B 297 14.66 36.58 23.12
CA LEU B 297 13.78 35.93 24.09
C LEU B 297 13.40 36.92 25.18
N LEU B 298 14.35 37.79 25.54
CA LEU B 298 14.10 38.89 26.49
C LEU B 298 13.30 40.04 25.84
N GLN B 299 13.14 39.98 24.51
CA GLN B 299 12.32 40.96 23.76
C GLN B 299 10.84 40.51 23.63
N GLU B 300 10.63 39.26 23.19
CA GLU B 300 9.30 38.66 23.05
C GLU B 300 8.56 38.52 24.40
N ILE B 301 9.31 38.24 25.47
CA ILE B 301 8.75 38.17 26.83
C ILE B 301 8.77 39.53 27.53
N ARG B 302 8.55 40.61 26.77
CA ARG B 302 8.53 41.99 27.29
C ARG B 302 7.34 42.79 26.76
ZN ZN E . -12.71 -9.05 -37.60
S SO4 F . -6.06 2.85 -28.99
O1 SO4 F . -6.65 3.43 -27.79
O2 SO4 F . -5.59 3.91 -29.88
O3 SO4 F . -4.93 1.99 -28.65
O4 SO4 F . -7.03 2.01 -29.73
C1 GOL G . -7.73 18.49 -2.35
O1 GOL G . -7.26 19.38 -1.35
C2 GOL G . -6.56 17.56 -2.68
O2 GOL G . -5.40 18.30 -2.39
C3 GOL G . -6.63 17.07 -4.16
O3 GOL G . -5.80 15.96 -4.48
C1 GOL H . -22.99 10.10 13.94
O1 GOL H . -22.13 9.06 13.63
C2 GOL H . -22.91 11.11 12.81
O2 GOL H . -23.35 12.39 13.23
C3 GOL H . -23.78 10.69 11.62
O3 GOL H . -23.42 11.42 10.44
C1 GOL I . 19.07 -1.47 17.81
O1 GOL I . 19.84 -1.70 16.65
C2 GOL I . 19.26 -2.64 18.78
O2 GOL I . 18.57 -3.76 18.31
C3 GOL I . 18.75 -2.38 20.19
O3 GOL I . 19.01 -3.53 20.97
C1 GOL J . -18.43 -14.37 -52.02
O1 GOL J . -17.30 -14.91 -52.67
C2 GOL J . -19.47 -15.48 -51.95
O2 GOL J . -19.67 -15.89 -53.27
C3 GOL J . -20.81 -14.96 -51.42
O3 GOL J . -21.63 -16.09 -51.22
N NH4 K . 11.23 -9.36 -3.95
MG MG L . -6.93 2.76 -3.65
MG MG M . -7.94 -0.49 -2.21
OAA ZYP N . -9.07 -1.22 -3.15
OAB ZYP N . -7.89 0.00 -10.05
OAC ZYP N . -9.51 -1.83 -10.05
OAD ZYP N . -8.04 0.77 -3.71
FAE ZYP N . -6.70 -7.95 -5.02
CAF ZYP N . -8.17 3.86 -7.58
CAG ZYP N . -7.67 3.91 -6.25
CAH ZYP N . -7.48 -5.90 -4.04
CAI ZYP N . -8.47 -6.87 -6.02
CAJ ZYP N . -8.40 -4.86 -4.13
CAK ZYP N . -9.38 -5.84 -6.11
CAL ZYP N . -8.81 2.67 -8.01
CAM ZYP N . -12.11 -0.08 -10.06
CAN ZYP N . -11.63 0.34 -11.46
CAO ZYP N . -11.48 0.74 -8.95
CAP ZYP N . -10.34 -3.69 -5.39
CAQ ZYP N . -10.10 0.25 -11.59
NAR ZYP N . -7.81 2.86 -5.43
NAS ZYP N . -9.67 -0.68 -6.62
NAT ZYP N . -9.98 -2.76 -4.37
CAU ZYP N . -9.30 -1.63 -4.29
CAV ZYP N . -7.53 -6.90 -5.01
CAW ZYP N . -9.36 -4.83 -5.18
CAX ZYP N . -8.55 0.64 -4.97
CAY ZYP N . -9.19 -0.56 -5.38
CAZ ZYP N . -9.54 0.37 -7.49
CBA ZYP N . -8.94 1.58 -7.12
CBB ZYP N . -8.42 1.71 -5.83
NBC ZYP N . -10.08 0.28 -8.77
SBD ZYP N . -9.33 -0.35 -10.05
S SO4 O . 19.64 8.92 30.06
O1 SO4 O . 19.23 8.75 28.67
O2 SO4 O . 21.05 9.32 30.04
O3 SO4 O . 18.87 9.99 30.68
O4 SO4 O . 19.43 7.68 30.80
MG MG P . 1.79 18.74 35.97
#